data_5C79
#
_entry.id   5C79
#
_cell.length_a   37.543
_cell.length_b   64.697
_cell.length_c   44.428
_cell.angle_alpha   90.00
_cell.angle_beta   95.63
_cell.angle_gamma   90.00
#
_symmetry.space_group_name_H-M   'P 1 21 1'
#
loop_
_entity.id
_entity.type
_entity.pdbx_description
1 polymer Arf-GAP
2 non-polymer '(2R)-3-{[(R)-HYDROXY{[(1R,2R,3S,4R,5R,6S)-2,3,6-TRIHYDROXY-4,5-BIS(PHOSPHONOOXY)CYCLOHEXYL]OXY}PHOSPHORYL]OXY}PROPANE-1 ,2-DIYL DIBUTANOATE'
3 non-polymer 'CHLORIDE ION'
4 water water
#
_entity_poly.entity_id   1
_entity_poly.type   'polypeptide(L)'
_entity_poly.pdbx_seq_one_letter_code
;MGHHHHHHHHHHSSGHIDDDKHMGGYSMHQLQGNKEYGSEKKGFLLKKSDGIRKVWQRRKCAVKNGILTISHATSNRQPA
KLNLLTCQVKPNAEDKKSFDLISHNRTYHFQAEDEQDYIAWISVLTNSKEEALTMAFRGEQSTGENSLED
;
_entity_poly.pdbx_strand_id   A,B
#
loop_
_chem_comp.id
_chem_comp.type
_chem_comp.name
_chem_comp.formula
CL non-polymer 'CHLORIDE ION' 'Cl -1'
PBU non-polymer '(2R)-3-{[(R)-HYDROXY{[(1R,2R,3S,4R,5R,6S)-2,3,6-TRIHYDROXY-4,5-BIS(PHOSPHONOOXY)CYCLOHEXYL]OXY}PHOSPHORYL]OXY}PROPANE-1 ,2-DIYL DIBUTANOATE' 'C17 H33 O19 P3'
#
# COMPACT_ATOMS: atom_id res chain seq x y z
N GLY A 33 -0.47 3.34 -26.92
CA GLY A 33 -1.51 4.17 -26.23
C GLY A 33 -2.59 3.26 -25.66
N ASN A 34 -3.78 3.82 -25.48
CA ASN A 34 -4.90 3.06 -24.91
C ASN A 34 -5.20 1.78 -25.71
N LYS A 35 -4.92 1.78 -27.01
CA LYS A 35 -5.18 0.59 -27.88
C LYS A 35 -4.19 -0.54 -27.61
N GLU A 36 -3.23 -0.32 -26.73
CA GLU A 36 -2.41 -1.41 -26.16
C GLU A 36 -3.18 -2.30 -25.19
N TYR A 37 -4.42 -1.91 -24.87
CA TYR A 37 -5.29 -2.64 -24.00
C TYR A 37 -6.65 -2.82 -24.65
N GLY A 38 -7.35 -3.84 -24.18
CA GLY A 38 -8.74 -4.05 -24.59
C GLY A 38 -9.74 -3.25 -23.74
N SER A 39 -10.96 -3.75 -23.72
CA SER A 39 -12.05 -3.11 -22.96
C SER A 39 -12.60 -3.98 -21.82
N GLU A 40 -12.00 -5.15 -21.61
CA GLU A 40 -12.31 -6.05 -20.52
C GLU A 40 -11.06 -6.38 -19.72
N LYS A 41 -11.22 -6.57 -18.41
CA LYS A 41 -10.14 -6.96 -17.53
C LYS A 41 -10.72 -7.61 -16.27
N LYS A 42 -10.05 -8.67 -15.80
CA LYS A 42 -10.35 -9.31 -14.52
C LYS A 42 -9.12 -9.14 -13.67
N GLY A 43 -9.30 -8.67 -12.45
CA GLY A 43 -8.16 -8.56 -11.57
C GLY A 43 -8.54 -8.12 -10.16
N PHE A 44 -7.63 -7.39 -9.57
CA PHE A 44 -7.79 -6.84 -8.24
C PHE A 44 -7.39 -5.38 -8.23
N LEU A 45 -8.03 -4.61 -7.37
CA LEU A 45 -7.65 -3.25 -7.05
C LEU A 45 -7.66 -3.08 -5.53
N LEU A 46 -6.76 -2.26 -5.01
CA LEU A 46 -6.85 -1.80 -3.62
C LEU A 46 -7.94 -0.70 -3.60
N LYS A 47 -8.89 -0.81 -2.67
CA LYS A 47 -9.95 0.19 -2.48
C LYS A 47 -9.80 0.75 -1.09
N LYS A 48 -9.65 2.07 -0.97
CA LYS A 48 -9.44 2.69 0.35
C LYS A 48 -10.74 2.68 1.16
N SER A 49 -10.66 2.18 2.40
CA SER A 49 -11.76 2.31 3.35
C SER A 49 -11.81 3.76 3.84
N ASP A 50 -12.85 4.07 4.60
CA ASP A 50 -12.91 5.37 5.30
C ASP A 50 -13.49 5.22 6.69
N GLY A 51 -13.36 6.29 7.49
CA GLY A 51 -13.81 6.34 8.87
C GLY A 51 -12.64 6.35 9.81
N ILE A 52 -12.84 5.77 10.97
CA ILE A 52 -11.81 5.76 12.01
C ILE A 52 -10.56 5.06 11.49
N ARG A 53 -10.76 4.06 10.63
CA ARG A 53 -9.66 3.39 9.93
C ARG A 53 -9.78 3.63 8.41
N LYS A 54 -8.79 4.33 7.84
CA LYS A 54 -8.60 4.48 6.40
C LYS A 54 -7.44 3.58 5.98
N VAL A 55 -7.76 2.43 5.40
CA VAL A 55 -6.72 1.53 4.89
C VAL A 55 -7.06 1.03 3.50
N TRP A 56 -6.02 0.63 2.78
CA TRP A 56 -6.21 0.01 1.47
C TRP A 56 -6.67 -1.44 1.66
N GLN A 57 -7.69 -1.83 0.94
CA GLN A 57 -8.25 -3.17 1.03
C GLN A 57 -8.40 -3.76 -0.35
N ARG A 58 -7.83 -4.94 -0.53
CA ARG A 58 -7.84 -5.58 -1.85
C ARG A 58 -9.22 -6.12 -2.21
N ARG A 59 -9.69 -5.78 -3.39
CA ARG A 59 -10.98 -6.25 -3.88
C ARG A 59 -10.90 -6.83 -5.29
N LYS A 60 -11.63 -7.89 -5.52
CA LYS A 60 -11.76 -8.48 -6.85
C LYS A 60 -12.59 -7.50 -7.69
N CYS A 61 -12.07 -7.12 -8.85
CA CYS A 61 -12.71 -6.16 -9.77
C CYS A 61 -12.68 -6.72 -11.18
N ALA A 62 -13.73 -6.43 -11.93
CA ALA A 62 -13.77 -6.82 -13.33
C ALA A 62 -14.50 -5.76 -14.16
N VAL A 63 -14.04 -5.58 -15.38
CA VAL A 63 -14.68 -4.73 -16.37
C VAL A 63 -15.20 -5.56 -17.54
N LYS A 64 -16.48 -5.41 -17.83
CA LYS A 64 -17.12 -6.11 -18.95
C LYS A 64 -18.42 -5.41 -19.28
N ASN A 65 -18.73 -5.35 -20.57
CA ASN A 65 -19.96 -4.70 -21.05
C ASN A 65 -20.21 -3.29 -20.49
N GLY A 66 -19.14 -2.50 -20.36
CA GLY A 66 -19.25 -1.12 -19.92
C GLY A 66 -19.51 -0.94 -18.44
N ILE A 67 -19.33 -2.01 -17.68
CA ILE A 67 -19.59 -2.03 -16.24
C ILE A 67 -18.35 -2.47 -15.46
N LEU A 68 -18.05 -1.73 -14.39
CA LEU A 68 -17.02 -2.12 -13.42
C LEU A 68 -17.76 -2.81 -12.28
N THR A 69 -17.42 -4.07 -12.04
CA THR A 69 -18.01 -4.85 -10.95
C THR A 69 -16.97 -4.90 -9.85
N ILE A 70 -17.34 -4.43 -8.65
CA ILE A 70 -16.43 -4.39 -7.52
C ILE A 70 -16.97 -5.35 -6.45
N SER A 71 -16.19 -6.39 -6.17
CA SER A 71 -16.61 -7.41 -5.21
C SER A 71 -16.50 -6.87 -3.82
N HIS A 72 -17.36 -7.38 -2.95
CA HIS A 72 -17.25 -7.08 -1.53
C HIS A 72 -16.25 -8.06 -0.90
N ALA A 73 -15.92 -7.80 0.34
CA ALA A 73 -15.00 -8.68 1.11
C ALA A 73 -15.60 -10.10 1.26
N THR A 74 -16.87 -10.12 1.60
CA THR A 74 -17.66 -11.36 1.63
C THR A 74 -18.01 -11.71 0.18
N SER A 75 -17.67 -12.93 -0.22
CA SER A 75 -17.60 -13.29 -1.65
C SER A 75 -18.95 -13.82 -2.20
N ASN A 76 -19.86 -14.21 -1.31
CA ASN A 76 -21.25 -14.57 -1.71
C ASN A 76 -22.24 -13.39 -1.69
N ARG A 77 -21.77 -12.19 -1.35
CA ARG A 77 -22.59 -10.98 -1.45
C ARG A 77 -22.49 -10.45 -2.90
N GLN A 78 -23.62 -9.97 -3.45
CA GLN A 78 -23.65 -9.44 -4.82
C GLN A 78 -22.75 -8.18 -4.97
N PRO A 79 -21.84 -8.21 -5.94
CA PRO A 79 -20.96 -7.05 -6.14
C PRO A 79 -21.64 -5.74 -6.57
N ALA A 80 -20.99 -4.63 -6.25
CA ALA A 80 -21.36 -3.33 -6.73
C ALA A 80 -21.10 -3.26 -8.23
N LYS A 81 -22.04 -2.67 -8.95
CA LYS A 81 -21.93 -2.47 -10.39
C LYS A 81 -21.92 -0.99 -10.70
N LEU A 82 -20.85 -0.53 -11.36
CA LEU A 82 -20.69 0.86 -11.74
C LEU A 82 -20.81 0.95 -13.26
N ASN A 83 -21.75 1.77 -13.70
CA ASN A 83 -21.94 2.06 -15.13
C ASN A 83 -20.89 3.09 -15.54
N LEU A 84 -19.95 2.65 -16.37
CA LEU A 84 -18.80 3.52 -16.69
C LEU A 84 -19.16 4.74 -17.55
N LEU A 85 -20.32 4.73 -18.18
CA LEU A 85 -20.79 5.99 -18.83
C LEU A 85 -20.97 7.17 -17.92
N THR A 86 -21.27 6.93 -16.66
CA THR A 86 -21.57 8.01 -15.73
C THR A 86 -20.54 8.06 -14.62
N CYS A 87 -19.35 7.53 -14.91
CA CYS A 87 -18.18 7.66 -14.05
C CYS A 87 -17.01 8.35 -14.73
N GLN A 88 -16.17 8.94 -13.90
CA GLN A 88 -15.00 9.69 -14.41
C GLN A 88 -13.75 9.21 -13.67
N VAL A 89 -12.81 8.71 -14.45
CA VAL A 89 -11.47 8.36 -13.90
C VAL A 89 -10.67 9.64 -13.69
N LYS A 90 -10.04 9.75 -12.52
CA LYS A 90 -9.14 10.85 -12.22
C LYS A 90 -7.83 10.24 -11.73
N PRO A 91 -6.83 10.20 -12.62
CA PRO A 91 -5.57 9.63 -12.18
C PRO A 91 -4.92 10.51 -11.14
N ASN A 92 -4.05 9.89 -10.36
CA ASN A 92 -3.35 10.61 -9.33
C ASN A 92 -2.34 11.60 -9.93
N ALA A 93 -2.17 12.73 -9.25
CA ALA A 93 -1.29 13.81 -9.72
C ALA A 93 0.18 13.42 -9.73
N GLU A 94 0.50 12.39 -8.95
CA GLU A 94 1.81 12.18 -8.34
C GLU A 94 2.46 10.77 -8.51
N ASP A 95 1.73 9.69 -8.19
CA ASP A 95 2.33 8.42 -7.81
C ASP A 95 2.28 7.34 -8.88
N LYS A 96 1.52 7.61 -9.94
CA LYS A 96 1.36 6.68 -11.08
C LYS A 96 0.98 5.26 -10.62
N LYS A 97 0.22 5.19 -9.52
CA LYS A 97 -0.46 3.95 -9.10
C LYS A 97 -1.90 4.12 -8.60
N SER A 98 -2.20 5.29 -8.04
CA SER A 98 -3.50 5.57 -7.47
C SER A 98 -4.38 6.26 -8.50
N PHE A 99 -5.67 5.96 -8.47
CA PHE A 99 -6.63 6.76 -9.22
C PHE A 99 -7.97 6.75 -8.52
N ASP A 100 -8.74 7.81 -8.75
CA ASP A 100 -10.11 7.86 -8.30
C ASP A 100 -11.06 7.48 -9.42
N LEU A 101 -12.17 6.88 -9.04
CA LEU A 101 -13.33 6.71 -9.91
C LEU A 101 -14.52 7.45 -9.32
N ILE A 102 -14.87 8.56 -9.99
CA ILE A 102 -15.93 9.43 -9.53
C ILE A 102 -17.24 8.91 -10.12
N SER A 103 -18.12 8.45 -9.25
CA SER A 103 -19.47 8.08 -9.65
C SER A 103 -20.46 9.13 -9.17
N HIS A 104 -21.69 9.00 -9.61
CA HIS A 104 -22.69 10.03 -9.29
C HIS A 104 -22.94 10.26 -7.79
N ASN A 105 -22.77 9.22 -6.99
CA ASN A 105 -23.05 9.32 -5.54
C ASN A 105 -21.89 8.95 -4.61
N ARG A 106 -20.71 8.74 -5.19
CA ARG A 106 -19.56 8.29 -4.44
C ARG A 106 -18.29 8.47 -5.29
N THR A 107 -17.19 8.78 -4.63
CA THR A 107 -15.87 8.66 -5.27
C THR A 107 -15.12 7.46 -4.67
N TYR A 108 -14.77 6.51 -5.51
CA TYR A 108 -13.93 5.40 -5.13
C TYR A 108 -12.46 5.78 -5.23
N HIS A 109 -11.67 5.45 -4.21
CA HIS A 109 -10.22 5.71 -4.25
C HIS A 109 -9.57 4.36 -4.45
N PHE A 110 -8.93 4.18 -5.61
CA PHE A 110 -8.30 2.91 -5.95
C PHE A 110 -6.79 3.05 -6.02
N GLN A 111 -6.12 1.94 -5.84
CA GLN A 111 -4.67 1.85 -6.12
C GLN A 111 -4.37 0.55 -6.82
N ALA A 112 -3.63 0.64 -7.93
CA ALA A 112 -3.17 -0.55 -8.64
C ALA A 112 -1.89 -1.10 -7.98
N GLU A 113 -1.50 -2.29 -8.41
CA GLU A 113 -0.25 -2.93 -7.93
C GLU A 113 1.04 -2.20 -8.23
N ASP A 114 1.18 -1.74 -9.45
CA ASP A 114 2.29 -0.91 -9.87
C ASP A 114 1.87 0.00 -11.04
N GLU A 115 2.84 0.75 -11.55
CA GLU A 115 2.78 1.65 -12.74
C GLU A 115 2.08 1.02 -13.93
N GLN A 116 2.55 -0.15 -14.29
CA GLN A 116 2.05 -0.85 -15.46
C GLN A 116 0.59 -1.33 -15.28
N ASP A 117 0.27 -1.88 -14.11
CA ASP A 117 -1.14 -2.29 -13.87
C ASP A 117 -2.07 -1.10 -13.74
N TYR A 118 -1.56 0.01 -13.21
CA TYR A 118 -2.26 1.31 -13.22
C TYR A 118 -2.61 1.73 -14.65
N ILE A 119 -1.62 1.67 -15.53
CA ILE A 119 -1.84 2.02 -16.96
C ILE A 119 -2.89 1.09 -17.56
N ALA A 120 -2.78 -0.20 -17.26
CA ALA A 120 -3.72 -1.20 -17.74
C ALA A 120 -5.13 -0.94 -17.28
N TRP A 121 -5.31 -0.79 -15.96
CA TRP A 121 -6.67 -0.47 -15.42
C TRP A 121 -7.27 0.79 -16.04
N ILE A 122 -6.50 1.87 -16.03
CA ILE A 122 -7.04 3.14 -16.53
C ILE A 122 -7.34 3.06 -18.04
N SER A 123 -6.47 2.39 -18.78
CA SER A 123 -6.70 2.20 -20.24
C SER A 123 -7.96 1.38 -20.52
N VAL A 124 -8.13 0.28 -19.79
CA VAL A 124 -9.29 -0.60 -19.96
C VAL A 124 -10.57 0.14 -19.57
N LEU A 125 -10.54 0.84 -18.44
CA LEU A 125 -11.71 1.61 -18.00
C LEU A 125 -12.11 2.65 -19.05
N THR A 126 -11.11 3.35 -19.56
CA THR A 126 -11.31 4.33 -20.65
C THR A 126 -11.90 3.73 -21.93
N ASN A 127 -11.29 2.64 -22.38
CA ASN A 127 -11.71 1.93 -23.55
C ASN A 127 -13.15 1.42 -23.43
N SER A 128 -13.46 0.89 -22.26
CA SER A 128 -14.80 0.39 -21.95
C SER A 128 -15.83 1.52 -22.07
N LYS A 129 -15.53 2.65 -21.47
CA LYS A 129 -16.43 3.80 -21.53
C LYS A 129 -16.62 4.27 -22.96
N GLU A 130 -15.53 4.35 -23.71
CA GLU A 130 -15.61 4.83 -25.11
C GLU A 130 -16.48 3.90 -25.95
N GLU A 131 -16.29 2.60 -25.77
CA GLU A 131 -17.13 1.61 -26.45
C GLU A 131 -18.60 1.78 -26.08
N ALA A 132 -18.89 1.94 -24.78
CA ALA A 132 -20.26 2.11 -24.29
C ALA A 132 -20.93 3.34 -24.90
N LEU A 133 -20.16 4.41 -25.11
CA LEU A 133 -20.70 5.68 -25.65
C LEU A 133 -21.07 5.54 -27.13
N THR A 134 -20.22 4.83 -27.86
CA THR A 134 -20.49 4.53 -29.28
C THR A 134 -21.86 3.82 -29.43
N MET A 135 -22.13 2.87 -28.54
CA MET A 135 -23.33 2.03 -28.57
C MET A 135 -24.59 2.63 -27.93
N ALA A 136 -24.44 3.71 -27.18
CA ALA A 136 -25.56 4.31 -26.42
C ALA A 136 -26.63 4.93 -27.32
N GLY B 33 27.70 -0.47 7.58
CA GLY B 33 27.05 0.83 7.97
C GLY B 33 27.30 1.86 6.89
N ASN B 34 27.03 3.11 7.21
CA ASN B 34 26.94 4.17 6.18
C ASN B 34 27.08 5.51 6.92
N LYS B 35 28.22 6.17 6.73
CA LYS B 35 28.51 7.42 7.44
C LYS B 35 27.73 8.63 6.94
N GLU B 36 27.00 8.49 5.84
CA GLU B 36 26.01 9.51 5.42
C GLU B 36 24.67 9.49 6.19
N TYR B 37 24.48 8.52 7.08
CA TYR B 37 23.28 8.42 7.88
C TYR B 37 23.67 8.27 9.33
N GLY B 38 22.75 8.63 10.21
CA GLY B 38 22.95 8.46 11.62
C GLY B 38 22.51 7.10 12.11
N SER B 39 22.40 7.01 13.43
CA SER B 39 21.93 5.78 14.08
C SER B 39 20.57 5.97 14.75
N GLU B 40 19.99 7.16 14.62
CA GLU B 40 18.65 7.49 15.07
C GLU B 40 17.81 7.99 13.91
N LYS B 41 16.50 7.72 13.99
CA LYS B 41 15.54 8.22 13.00
C LYS B 41 14.17 8.28 13.63
N LYS B 42 13.45 9.36 13.35
CA LYS B 42 12.03 9.48 13.71
C LYS B 42 11.29 9.56 12.38
N GLY B 43 10.31 8.68 12.19
CA GLY B 43 9.53 8.73 10.97
C GLY B 43 8.35 7.81 11.00
N PHE B 44 8.02 7.32 9.83
CA PHE B 44 6.83 6.46 9.68
C PHE B 44 7.19 5.26 8.84
N LEU B 45 6.54 4.15 9.16
CA LEU B 45 6.62 2.96 8.32
C LEU B 45 5.20 2.46 8.11
N LEU B 46 4.97 1.84 6.96
CA LEU B 46 3.75 1.02 6.79
C LEU B 46 4.02 -0.33 7.42
N LYS B 47 3.13 -0.75 8.30
CA LYS B 47 3.28 -1.98 9.02
C LYS B 47 2.09 -2.87 8.67
N LYS B 48 2.35 -4.11 8.31
CA LYS B 48 1.25 -5.08 8.06
C LYS B 48 0.77 -5.63 9.40
N SER B 49 -0.53 -5.51 9.64
CA SER B 49 -1.10 -6.03 10.86
C SER B 49 -1.09 -7.57 10.86
N ASP B 50 -1.35 -8.14 12.05
CA ASP B 50 -1.42 -9.57 12.27
C ASP B 50 -2.83 -10.00 12.66
N GLY B 51 -3.81 -9.17 12.35
CA GLY B 51 -5.18 -9.40 12.79
C GLY B 51 -5.89 -10.38 11.89
N ILE B 52 -7.21 -10.41 12.04
CA ILE B 52 -8.04 -11.36 11.31
C ILE B 52 -7.90 -11.16 9.82
N ARG B 53 -7.81 -9.90 9.40
CA ARG B 53 -7.51 -9.56 8.02
C ARG B 53 -6.31 -8.66 8.12
N LYS B 54 -5.29 -8.96 7.34
CA LYS B 54 -4.03 -8.24 7.44
C LYS B 54 -4.13 -6.98 6.62
N VAL B 55 -3.82 -5.86 7.25
CA VAL B 55 -3.86 -4.58 6.54
C VAL B 55 -2.63 -3.76 6.85
N TRP B 56 -2.28 -2.93 5.90
CA TRP B 56 -1.12 -2.10 5.99
C TRP B 56 -1.52 -0.77 6.60
N GLN B 57 -0.82 -0.40 7.67
CA GLN B 57 -1.16 0.79 8.43
C GLN B 57 0.07 1.61 8.68
N ARG B 58 -0.05 2.92 8.43
CA ARG B 58 1.06 3.85 8.70
C ARG B 58 1.22 4.03 10.21
N ARG B 59 2.45 3.80 10.68
CA ARG B 59 2.74 3.90 12.13
C ARG B 59 3.96 4.77 12.37
N LYS B 60 3.90 5.55 13.44
CA LYS B 60 5.06 6.32 13.90
C LYS B 60 6.07 5.33 14.44
N CYS B 61 7.30 5.41 13.92
CA CYS B 61 8.39 4.52 14.33
C CYS B 61 9.60 5.37 14.61
N ALA B 62 10.41 4.95 15.57
CA ALA B 62 11.61 5.66 15.88
C ALA B 62 12.72 4.72 16.31
N VAL B 63 13.93 5.03 15.87
CA VAL B 63 15.12 4.29 16.28
C VAL B 63 15.94 5.17 17.24
N LYS B 64 16.25 4.62 18.40
CA LYS B 64 16.96 5.37 19.45
C LYS B 64 17.59 4.42 20.42
N ASN B 65 18.84 4.67 20.74
CA ASN B 65 19.60 3.79 21.65
C ASN B 65 19.44 2.27 21.35
N GLY B 66 19.53 1.94 20.07
CA GLY B 66 19.56 0.54 19.63
C GLY B 66 18.20 -0.13 19.70
N ILE B 67 17.15 0.67 19.84
CA ILE B 67 15.76 0.18 19.98
C ILE B 67 14.89 0.77 18.90
N LEU B 68 14.04 -0.08 18.28
CA LEU B 68 13.01 0.37 17.34
C LEU B 68 11.72 0.44 18.14
N THR B 69 11.14 1.62 18.24
CA THR B 69 9.89 1.82 18.96
C THR B 69 8.82 2.00 17.91
N ILE B 70 7.77 1.17 18.01
CA ILE B 70 6.68 1.19 17.07
C ILE B 70 5.42 1.62 17.82
N SER B 71 4.87 2.76 17.42
CA SER B 71 3.75 3.30 18.08
C SER B 71 2.52 2.50 17.71
N HIS B 72 1.59 2.44 18.65
CA HIS B 72 0.26 1.95 18.32
C HIS B 72 -0.59 3.07 17.66
N ALA B 73 -1.75 2.71 17.14
CA ALA B 73 -2.67 3.68 16.51
C ALA B 73 -3.14 4.71 17.56
N THR B 74 -3.50 4.19 18.73
CA THR B 74 -3.83 4.97 19.92
C THR B 74 -2.62 5.27 20.84
N SER B 75 -2.83 6.21 21.75
CA SER B 75 -1.84 6.61 22.78
C SER B 75 -2.05 5.99 24.17
N ASN B 76 -3.18 5.31 24.39
CA ASN B 76 -3.44 4.58 25.66
C ASN B 76 -2.49 3.37 25.85
N ARG B 77 -2.08 2.83 24.71
CA ARG B 77 -1.27 1.63 24.63
C ARG B 77 0.23 1.98 24.48
N GLN B 78 1.06 1.30 25.26
CA GLN B 78 2.50 1.55 25.31
C GLN B 78 3.16 1.01 24.06
N PRO B 79 4.07 1.77 23.41
CA PRO B 79 4.61 1.27 22.14
C PRO B 79 5.43 0.00 22.28
N ALA B 80 5.45 -0.78 21.21
CA ALA B 80 6.33 -1.91 21.14
C ALA B 80 7.77 -1.42 21.05
N LYS B 81 8.67 -2.12 21.77
CA LYS B 81 10.10 -1.81 21.78
C LYS B 81 10.88 -3.03 21.35
N LEU B 82 11.59 -2.89 20.26
CA LEU B 82 12.33 -3.99 19.66
C LEU B 82 13.82 -3.73 19.79
N ASN B 83 14.51 -4.67 20.44
CA ASN B 83 15.96 -4.56 20.67
C ASN B 83 16.65 -5.00 19.41
N LEU B 84 17.28 -4.06 18.72
CA LEU B 84 17.83 -4.35 17.40
C LEU B 84 19.00 -5.35 17.42
N LEU B 85 19.67 -5.50 18.54
CA LEU B 85 20.70 -6.57 18.60
C LEU B 85 20.19 -7.99 18.41
N THR B 86 18.94 -8.23 18.83
CA THR B 86 18.31 -9.53 18.84
C THR B 86 17.16 -9.60 17.85
N CYS B 87 17.21 -8.71 16.85
CA CYS B 87 16.33 -8.76 15.68
C CYS B 87 17.18 -8.88 14.45
N GLN B 88 16.55 -9.29 13.36
CA GLN B 88 17.26 -9.42 12.11
C GLN B 88 16.49 -8.77 10.98
N VAL B 89 17.11 -7.77 10.36
CA VAL B 89 16.52 -7.13 9.19
C VAL B 89 16.73 -8.08 8.02
N LYS B 90 15.66 -8.25 7.23
CA LYS B 90 15.74 -8.98 5.98
C LYS B 90 15.14 -8.10 4.88
N PRO B 91 15.99 -7.43 4.09
CA PRO B 91 15.45 -6.63 3.01
C PRO B 91 14.80 -7.49 1.92
N ASN B 92 13.93 -6.87 1.15
CA ASN B 92 13.38 -7.54 -0.03
C ASN B 92 14.46 -7.71 -1.11
N ALA B 93 14.28 -8.75 -1.93
CA ALA B 93 15.20 -9.13 -3.01
C ALA B 93 15.16 -8.22 -4.26
N GLU B 94 14.08 -7.46 -4.39
CA GLU B 94 13.58 -6.98 -5.69
C GLU B 94 13.08 -5.52 -5.75
N ASP B 95 12.07 -5.22 -4.94
CA ASP B 95 11.27 -3.98 -5.07
C ASP B 95 11.92 -2.71 -4.50
N LYS B 96 12.76 -2.89 -3.50
CA LYS B 96 13.52 -1.78 -2.88
C LYS B 96 12.63 -0.78 -2.10
N LYS B 97 11.52 -1.27 -1.54
CA LYS B 97 10.76 -0.53 -0.47
C LYS B 97 10.31 -1.35 0.76
N SER B 98 10.25 -2.67 0.64
CA SER B 98 9.81 -3.55 1.74
C SER B 98 10.95 -4.22 2.49
N PHE B 99 10.78 -4.42 3.78
CA PHE B 99 11.68 -5.28 4.55
C PHE B 99 10.98 -5.93 5.72
N ASP B 100 11.50 -7.08 6.13
CA ASP B 100 11.06 -7.75 7.32
C ASP B 100 12.01 -7.49 8.49
N LEU B 101 11.44 -7.46 9.67
CA LEU B 101 12.20 -7.41 10.91
C LEU B 101 11.83 -8.62 11.74
N ILE B 102 12.77 -9.56 11.81
CA ILE B 102 12.56 -10.80 12.53
C ILE B 102 12.87 -10.57 13.98
N SER B 103 11.86 -10.67 14.84
CA SER B 103 12.05 -10.66 16.30
C SER B 103 11.69 -12.04 16.87
N HIS B 104 12.03 -12.24 18.12
CA HIS B 104 11.88 -13.61 18.72
C HIS B 104 10.48 -14.23 18.65
N ASN B 105 9.45 -13.40 18.73
CA ASN B 105 8.07 -13.88 18.70
C ASN B 105 7.16 -13.30 17.60
N ARG B 106 7.77 -12.59 16.65
CA ARG B 106 7.04 -11.99 15.54
C ARG B 106 8.00 -11.57 14.43
N THR B 107 7.63 -11.82 13.19
CA THR B 107 8.34 -11.21 12.05
C THR B 107 7.45 -10.06 11.58
N TYR B 108 7.94 -8.84 11.81
CA TYR B 108 7.26 -7.66 11.35
C TYR B 108 7.52 -7.50 9.87
N HIS B 109 6.49 -7.01 9.17
CA HIS B 109 6.57 -6.72 7.76
C HIS B 109 6.34 -5.25 7.55
N PHE B 110 7.38 -4.59 7.07
CA PHE B 110 7.37 -3.14 6.89
C PHE B 110 7.52 -2.75 5.44
N GLN B 111 7.01 -1.56 5.13
CA GLN B 111 7.26 -0.90 3.87
C GLN B 111 7.59 0.54 4.11
N ALA B 112 8.69 1.02 3.53
CA ALA B 112 8.95 2.45 3.54
C ALA B 112 8.03 3.15 2.53
N GLU B 113 7.83 4.44 2.77
CA GLU B 113 6.88 5.25 2.02
C GLU B 113 7.38 5.59 0.62
N ASP B 114 8.68 5.67 0.45
CA ASP B 114 9.31 5.84 -0.84
C ASP B 114 10.71 5.24 -0.85
N GLU B 115 11.34 5.25 -2.01
CA GLU B 115 12.61 4.57 -2.17
C GLU B 115 13.77 5.19 -1.38
N GLN B 116 13.77 6.51 -1.25
CA GLN B 116 14.80 7.23 -0.47
C GLN B 116 14.64 6.94 1.02
N ASP B 117 13.40 6.91 1.46
CA ASP B 117 13.15 6.56 2.83
C ASP B 117 13.50 5.12 3.15
N TYR B 118 13.31 4.22 2.20
CA TYR B 118 13.78 2.85 2.35
C TYR B 118 15.27 2.78 2.64
N ILE B 119 16.05 3.48 1.82
CA ILE B 119 17.51 3.52 2.00
C ILE B 119 17.87 4.08 3.39
N ALA B 120 17.16 5.14 3.76
CA ALA B 120 17.37 5.78 5.06
C ALA B 120 17.09 4.82 6.23
N TRP B 121 15.93 4.15 6.20
CA TRP B 121 15.58 3.19 7.25
C TRP B 121 16.59 2.07 7.37
N ILE B 122 16.94 1.45 6.23
CA ILE B 122 17.85 0.29 6.31
C ILE B 122 19.23 0.75 6.82
N SER B 123 19.67 1.91 6.33
CA SER B 123 20.96 2.48 6.76
C SER B 123 21.03 2.79 8.24
N VAL B 124 20.00 3.45 8.73
CA VAL B 124 19.93 3.77 10.17
C VAL B 124 19.83 2.49 11.04
N LEU B 125 19.00 1.55 10.61
CA LEU B 125 18.84 0.31 11.39
C LEU B 125 20.20 -0.41 11.49
N THR B 126 20.92 -0.45 10.37
CA THR B 126 22.28 -1.02 10.31
C THR B 126 23.26 -0.30 11.22
N ASN B 127 23.29 1.02 11.10
CA ASN B 127 24.15 1.85 11.94
C ASN B 127 23.88 1.69 13.46
N SER B 128 22.60 1.64 13.78
CA SER B 128 22.14 1.44 15.16
C SER B 128 22.61 0.10 15.73
N LYS B 129 22.46 -0.95 14.94
CA LYS B 129 22.87 -2.27 15.38
C LYS B 129 24.37 -2.35 15.55
N GLU B 130 25.11 -1.77 14.58
CA GLU B 130 26.58 -1.76 14.67
C GLU B 130 27.05 -1.04 15.94
N GLU B 131 26.45 0.10 16.22
CA GLU B 131 26.76 0.85 17.44
C GLU B 131 26.46 0.03 18.68
N ALA B 132 25.29 -0.61 18.70
CA ALA B 132 24.83 -1.37 19.85
C ALA B 132 25.79 -2.48 20.18
N LEU B 133 26.32 -3.11 19.14
CA LEU B 133 27.23 -4.24 19.31
C LEU B 133 28.56 -3.79 19.90
N THR B 134 29.05 -2.65 19.43
CA THR B 134 30.31 -2.06 19.93
C THR B 134 30.19 -1.82 21.43
N MET B 135 29.08 -1.19 21.83
CA MET B 135 28.84 -0.85 23.22
C MET B 135 28.32 -2.09 23.94
P1 PBU C . -13.81 -3.46 7.71
P4 PBU C . -16.84 1.09 1.92
P5 PBU C . -16.78 -3.75 1.20
C3' PBU C . -13.62 -2.95 10.25
C2' PBU C . -14.61 -2.07 10.98
O2' PBU C . -13.96 -0.84 11.34
C1' PBU C . -15.21 -2.88 12.14
O1' PBU C . -16.60 -2.56 12.20
C1 PBU C . -14.89 -2.16 5.60
O1 PBU C . -15.06 -2.82 6.86
C2 PBU C . -14.91 -0.63 5.72
O2 PBU C . -16.08 -0.05 6.30
C3 PBU C . -14.85 -0.01 4.36
O3 PBU C . -14.94 1.43 4.47
C4 PBU C . -15.95 -0.66 3.52
O4 PBU C . -15.85 -0.07 2.28
C5 PBU C . -15.86 -2.14 3.26
O5 PBU C . -16.91 -2.70 2.42
C6 PBU C . -15.95 -2.74 4.63
O6 PBU C . -15.78 -4.11 4.40
C7 PBU C . -12.92 -0.89 12.37
O7 PBU C . -11.79 -1.30 12.11
C8 PBU C . -13.23 -0.38 13.75
C9 PBU C . -12.96 1.12 13.77
C10 PBU C . -13.70 1.75 12.61
C11 PBU C . -17.66 -3.54 12.05
O11 PBU C . -17.49 -4.56 11.41
C12 PBU C . -18.98 -3.25 12.72
C13 PBU C . -18.70 -3.01 14.21
C14 PBU C . -18.31 -1.58 14.47
O41 PBU C . -16.43 2.44 2.48
O42 PBU C . -18.18 0.48 2.28
O43 PBU C . -16.52 1.22 0.45
O51 PBU C . -18.06 -3.39 0.46
O52 PBU C . -15.55 -3.22 0.47
O53 PBU C . -16.61 -5.17 1.50
OP1 PBU C . -14.36 -3.54 9.19
OP2 PBU C . -12.60 -2.56 7.55
OP3 PBU C . -13.67 -4.93 7.42
CL CL D . 19.95 -10.75 15.50
P1 PBU E . -7.91 -6.28 14.80
P4 PBU E . -1.48 -1.20 16.42
P5 PBU E . -0.98 -5.82 14.98
C3' PBU E . -10.44 -5.41 15.11
C2' PBU E . -11.27 -4.48 14.23
O2' PBU E . -11.18 -3.06 14.54
C1' PBU E . -12.78 -4.82 14.24
O1' PBU E . -13.17 -5.92 15.10
C1 PBU E . -5.68 -4.73 15.12
O1 PBU E . -6.66 -5.36 14.27
C2 PBU E . -5.86 -3.24 15.32
O2 PBU E . -5.83 -2.67 14.03
C3 PBU E . -4.76 -2.53 16.13
O3 PBU E . -4.85 -1.10 16.04
C4 PBU E . -3.38 -2.88 15.58
O4 PBU E . -2.38 -2.52 16.54
C5 PBU E . -3.21 -4.36 15.32
O5 PBU E . -1.92 -4.53 14.70
C6 PBU E . -4.32 -4.96 14.45
O6 PBU E . -4.19 -6.36 14.33
C7 PBU E . -10.13 -2.53 15.42
O7 PBU E . -9.11 -2.06 14.94
C8 PBU E . -10.32 -2.57 16.93
C9 PBU E . -10.66 -1.19 17.48
C10 PBU E . -12.15 -1.00 17.67
C11 PBU E . -13.50 -7.24 14.58
O11 PBU E . -13.18 -8.21 15.24
C12 PBU E . -14.17 -7.47 13.25
C13 PBU E . -15.41 -6.60 13.01
C14 PBU E . -16.68 -7.40 12.81
O41 PBU E . -0.34 -1.59 17.37
O42 PBU E . -1.04 -0.97 14.99
O43 PBU E . -2.30 -0.04 16.87
O51 PBU E . 0.24 -5.44 14.17
O52 PBU E . -0.76 -5.87 16.48
O53 PBU E . -1.71 -7.03 14.51
OP1 PBU E . -9.06 -5.15 14.91
OP2 PBU E . -7.62 -6.78 16.19
OP3 PBU E . -8.25 -7.34 13.76
P1 PBU F . 1.73 -8.51 0.96
P4 PBU F . -6.24 -10.07 1.67
P5 PBU F . -2.90 -12.88 4.01
C3' PBU F . 2.15 -6.32 -0.44
C2' PBU F . 1.29 -5.68 -1.52
O2' PBU F . 0.28 -4.88 -0.90
C1' PBU F . 0.63 -6.75 -2.38
O1' PBU F . 0.01 -6.14 -3.52
C1 PBU F . -0.72 -9.31 1.61
O1 PBU F . 0.49 -8.69 1.97
C2 PBU F . -1.70 -8.27 1.13
O2 PBU F . -1.82 -7.24 2.14
C3 PBU F . -2.98 -9.01 0.77
O3 PBU F . -3.93 -8.06 0.28
C4 PBU F . -3.60 -9.79 1.93
O4 PBU F . -4.72 -10.51 1.47
C5 PBU F . -2.57 -10.76 2.49
O5 PBU F . -3.16 -11.33 3.63
C6 PBU F . -1.27 -10.07 2.81
O6 PBU F . -0.28 -11.01 3.18
C7 PBU F . 0.68 -3.53 -0.49
O7 PBU F . 1.85 -3.19 -0.57
C8 PBU F . -0.37 -2.57 0.00
C9 PBU F . 0.24 -1.26 0.49
C10 PBU F . -0.85 -0.30 0.92
C11 PBU F . -1.39 -5.71 -3.58
O11 PBU F . -2.21 -6.12 -2.78
C12 PBU F . -1.79 -4.74 -4.68
C13 PBU F . -2.71 -5.39 -5.70
C14 PBU F . -3.66 -4.41 -6.34
O41 PBU F . -6.55 -9.88 3.13
O42 PBU F . -7.04 -11.23 1.11
O43 PBU F . -6.48 -8.88 0.82
O51 PBU F . -3.77 -13.00 5.25
O52 PBU F . -3.31 -13.73 2.87
O53 PBU F . -1.44 -12.99 4.30
OP1 PBU F . 1.34 -7.00 0.51
OP2 PBU F . 2.97 -8.47 1.84
OP3 PBU F . 1.58 -9.42 -0.21
#